data_8B51
#
_entry.id   8B51
#
_cell.length_a   52.911
_cell.length_b   95.546
_cell.length_c   110.431
_cell.angle_alpha   90.000
_cell.angle_beta   90.000
_cell.angle_gamma   90.000
#
_symmetry.space_group_name_H-M   'P 21 21 21'
#
loop_
_entity.id
_entity.type
_entity.pdbx_description
1 polymer 'RNA-directed RNA polymerase NS5'
2 non-polymer SINEFUNGIN
3 non-polymer GLYCEROL
4 non-polymer GLYCINE
5 water water
#
_entity_poly.entity_id   1
_entity_poly.type   'polypeptide(L)'
_entity_poly.pdbx_seq_one_letter_code
;RTLGEQWKEKLNGLSKEDFLKYRKEAITEVDRSAARKARRDGNKTGGHPVSRGSAKLRWMVERQFVKPIGKVVDLGCGRG
GWSYYAATLKGVQEVRGYTKGGPGHEEPMLMQSYGWNLVTMKSGVDVYYKPSEPCDTLFCDIGESSSSAEVEEQRTLRIL
EMVSDWLQRGPREFCIKVLCPYMPRVMERLEVLQRRYGGGLVRVPLSRNSNHEMYWVSGAAGNIVHAVNMTSQVLIGRME
KRTWHGPKYEEDVNLGSGTRAVG
;
_entity_poly.pdbx_strand_id   A,B
#
loop_
_chem_comp.id
_chem_comp.type
_chem_comp.name
_chem_comp.formula
GOL non-polymer GLYCEROL 'C3 H8 O3'
SFG non-polymer SINEFUNGIN 'C15 H23 N7 O5'
#
# COMPACT_ATOMS: atom_id res chain seq x y z
N ARG A 1 15.22 -27.39 -10.85
CA ARG A 1 14.85 -26.16 -10.11
C ARG A 1 13.64 -26.49 -9.26
N THR A 2 13.61 -26.00 -8.03
CA THR A 2 12.43 -26.22 -7.20
C THR A 2 11.27 -25.37 -7.71
N LEU A 3 10.05 -25.70 -7.28
CA LEU A 3 8.90 -24.89 -7.66
C LEU A 3 9.07 -23.44 -7.20
N GLY A 4 9.71 -23.23 -6.05
CA GLY A 4 9.97 -21.87 -5.61
C GLY A 4 10.97 -21.14 -6.49
N GLU A 5 11.76 -21.55 -6.93
CA GLU A 5 12.99 -21.15 -7.63
C GLU A 5 12.69 -20.90 -9.11
N GLN A 6 11.26 -21.55 -9.61
CA GLN A 6 10.46 -21.16 -10.77
C GLN A 6 9.59 -19.95 -10.44
N TRP A 7 8.95 -19.96 -9.28
CA TRP A 7 8.16 -18.81 -8.87
C TRP A 7 8.99 -17.54 -8.80
N LYS A 8 10.26 -17.67 -8.41
CA LYS A 8 11.14 -16.50 -8.32
C LYS A 8 11.46 -15.94 -9.68
N GLU A 9 11.95 -16.80 -10.59
CA GLU A 9 12.20 -16.38 -11.97
C GLU A 9 10.99 -15.66 -12.55
N LYS A 10 9.81 -16.28 -12.39
CA LYS A 10 8.57 -15.65 -12.83
C LYS A 10 8.37 -14.31 -12.18
N LEU A 11 8.41 -14.28 -10.84
CA LEU A 11 8.28 -13.01 -10.14
C LEU A 11 9.16 -11.94 -10.74
N ASN A 12 10.41 -12.27 -11.06
CA ASN A 12 11.34 -11.25 -11.53
C ASN A 12 10.99 -10.78 -12.94
N GLY A 13 10.32 -11.63 -13.72
CA GLY A 13 9.94 -11.26 -15.06
C GLY A 13 8.70 -10.42 -15.18
N LEU A 14 8.15 -9.96 -14.06
CA LEU A 14 6.93 -9.17 -14.07
C LEU A 14 7.23 -7.69 -14.21
N SER A 15 6.36 -7.01 -14.96
CA SER A 15 6.46 -5.55 -15.10
C SER A 15 6.24 -4.89 -13.75
N LYS A 16 6.84 -3.69 -13.58
CA LYS A 16 6.55 -2.92 -12.36
C LYS A 16 5.04 -2.89 -12.05
N GLU A 17 4.22 -2.82 -13.08
CA GLU A 17 2.79 -2.64 -12.88
C GLU A 17 2.12 -3.93 -12.49
N ASP A 18 2.53 -5.06 -13.08
CA ASP A 18 1.96 -6.34 -12.70
C ASP A 18 2.46 -6.75 -11.30
N PHE A 19 3.75 -6.50 -11.02
CA PHE A 19 4.28 -6.65 -9.68
C PHE A 19 3.35 -6.07 -8.64
N LEU A 20 3.02 -4.78 -8.77
CA LEU A 20 2.17 -4.11 -7.79
C LEU A 20 0.85 -4.83 -7.59
N LYS A 21 0.18 -5.18 -8.69
CA LYS A 21 -1.10 -5.88 -8.59
C LYS A 21 -0.94 -7.22 -7.87
N TYR A 22 0.17 -7.91 -8.10
CA TYR A 22 0.31 -9.28 -7.64
C TYR A 22 0.62 -9.34 -6.18
N ARG A 23 1.45 -8.44 -5.67
CA ARG A 23 2.02 -8.65 -4.35
C ARG A 23 0.96 -8.78 -3.26
N LYS A 24 -0.18 -8.12 -3.43
CA LYS A 24 -1.19 -8.16 -2.39
C LYS A 24 -2.42 -8.91 -2.82
N GLU A 25 -2.38 -9.63 -3.93
CA GLU A 25 -3.56 -10.30 -4.41
C GLU A 25 -3.93 -11.48 -3.52
N ALA A 26 -5.12 -11.43 -2.93
CA ALA A 26 -5.71 -12.47 -2.08
C ALA A 26 -5.02 -12.62 -0.71
N ILE A 27 -4.06 -11.79 -0.38
CA ILE A 27 -3.43 -11.89 0.93
C ILE A 27 -4.34 -11.27 1.98
N THR A 28 -4.12 -11.69 3.23
CA THR A 28 -4.72 -11.00 4.36
C THR A 28 -3.92 -9.74 4.72
N GLU A 29 -4.63 -8.62 4.87
CA GLU A 29 -3.98 -7.39 5.29
C GLU A 29 -4.81 -6.75 6.40
N VAL A 30 -4.13 -6.00 7.29
CA VAL A 30 -4.78 -5.48 8.48
C VAL A 30 -4.97 -3.99 8.35
N ASP A 31 -5.97 -3.49 9.05
CA ASP A 31 -6.35 -2.09 9.03
C ASP A 31 -5.41 -1.36 9.99
N ARG A 32 -4.37 -0.75 9.42
CA ARG A 32 -3.35 -0.04 10.19
C ARG A 32 -3.57 1.47 10.31
N SER A 33 -4.73 1.95 9.85
CA SER A 33 -4.99 3.37 9.82
C SER A 33 -4.71 4.00 11.16
N ALA A 34 -5.51 3.63 12.16
CA ALA A 34 -5.38 4.21 13.50
C ALA A 34 -3.96 4.10 14.04
N ALA A 35 -3.14 3.20 13.48
CA ALA A 35 -1.79 3.00 14.02
C ALA A 35 -0.85 4.09 13.58
N ARG A 36 -1.03 4.62 12.37
CA ARG A 36 -0.18 5.71 11.93
C ARG A 36 -0.65 7.07 12.42
N LYS A 37 -1.88 7.19 12.92
CA LYS A 37 -2.27 8.40 13.65
C LYS A 37 -1.58 8.43 15.01
N ALA A 38 -1.82 7.42 15.82
CA ALA A 38 -1.11 7.23 17.07
C ALA A 38 0.35 7.53 16.81
N ARG A 39 0.88 7.04 15.68
CA ARG A 39 2.29 7.25 15.37
C ARG A 39 2.59 8.74 15.16
N ARG A 40 1.80 9.41 14.33
CA ARG A 40 1.95 10.85 14.20
C ARG A 40 1.82 11.55 15.55
N ASP A 41 0.72 11.26 16.24
CA ASP A 41 0.38 11.96 17.51
C ASP A 41 1.04 11.36 18.76
N GLY A 42 1.88 10.35 18.60
CA GLY A 42 2.59 9.80 19.77
C GLY A 42 1.67 9.13 20.77
N ASN A 43 0.47 8.72 20.35
CA ASN A 43 -0.42 7.96 21.27
C ASN A 43 0.24 6.60 21.50
N LYS A 44 0.79 6.40 22.68
CA LYS A 44 1.46 5.13 23.01
C LYS A 44 0.46 4.21 23.73
N THR A 45 -0.75 4.70 23.99
CA THR A 45 -1.66 3.94 24.82
C THR A 45 -2.88 3.41 24.07
N GLY A 46 -3.02 3.71 22.78
CA GLY A 46 -4.22 3.32 22.06
C GLY A 46 -4.37 1.84 21.81
N GLY A 47 -3.32 1.07 22.07
CA GLY A 47 -3.37 -0.36 21.77
C GLY A 47 -3.00 -0.73 20.36
N HIS A 48 -2.60 0.24 19.55
CA HIS A 48 -2.31 0.00 18.14
C HIS A 48 -0.92 -0.57 17.99
N PRO A 49 -0.77 -1.72 17.30
CA PRO A 49 0.55 -2.31 17.11
C PRO A 49 1.46 -1.34 16.39
N VAL A 50 2.76 -1.46 16.68
CA VAL A 50 3.73 -0.58 16.07
C VAL A 50 4.06 -0.97 14.65
N SER A 51 3.66 -2.18 14.23
CA SER A 51 3.94 -2.63 12.87
C SER A 51 2.99 -3.75 12.50
N ARG A 52 3.09 -4.18 11.23
CA ARG A 52 2.35 -5.33 10.66
C ARG A 52 2.80 -6.63 11.30
N GLY A 53 3.94 -6.65 11.95
CA GLY A 53 4.42 -7.91 12.47
C GLY A 53 3.57 -8.45 13.59
N SER A 54 3.00 -7.56 14.39
CA SER A 54 2.16 -8.01 15.50
C SER A 54 1.03 -8.92 15.00
N ALA A 55 0.39 -8.54 13.90
CA ALA A 55 -0.70 -9.37 13.39
C ALA A 55 -0.20 -10.69 12.85
N LYS A 56 1.01 -10.70 12.25
CA LYS A 56 1.54 -11.93 11.71
C LYS A 56 1.82 -12.91 12.83
N LEU A 57 2.39 -12.41 13.94
CA LEU A 57 2.70 -13.34 15.01
C LEU A 57 1.43 -13.84 15.63
N ARG A 58 0.44 -12.97 15.76
CA ARG A 58 -0.82 -13.34 16.38
C ARG A 58 -1.50 -14.43 15.59
N TRP A 59 -1.37 -14.39 14.28
CA TRP A 59 -1.90 -15.46 13.44
C TRP A 59 -1.31 -16.81 13.84
N MET A 60 -0.01 -16.84 14.13
CA MET A 60 0.67 -18.11 14.41
C MET A 60 0.39 -18.56 15.85
N VAL A 61 0.30 -17.60 16.79
CA VAL A 61 0.05 -17.96 18.18
C VAL A 61 -1.38 -18.44 18.36
N GLU A 62 -2.33 -17.80 17.70
CA GLU A 62 -3.71 -18.23 17.84
C GLU A 62 -3.95 -19.63 17.32
N ARG A 63 -3.11 -20.10 16.40
CA ARG A 63 -3.24 -21.46 15.90
C ARG A 63 -2.30 -22.42 16.57
N GLN A 64 -1.67 -22.00 17.65
CA GLN A 64 -0.76 -22.80 18.44
C GLN A 64 0.41 -23.31 17.62
N PHE A 65 0.90 -22.50 16.66
CA PHE A 65 2.17 -22.82 16.02
C PHE A 65 3.32 -22.41 16.90
N VAL A 66 3.09 -21.55 17.87
CA VAL A 66 4.06 -21.18 18.90
C VAL A 66 3.28 -20.70 20.12
N LYS A 67 3.76 -21.05 21.31
CA LYS A 67 3.09 -20.73 22.57
C LYS A 67 4.08 -19.99 23.47
N PRO A 68 4.16 -18.68 23.35
CA PRO A 68 5.20 -17.96 24.08
C PRO A 68 5.04 -18.11 25.59
N ILE A 69 6.18 -18.23 26.27
CA ILE A 69 6.19 -18.56 27.69
C ILE A 69 7.52 -18.09 28.30
N GLY A 70 7.48 -17.76 29.59
CA GLY A 70 8.70 -17.47 30.31
C GLY A 70 9.41 -16.24 29.76
N LYS A 71 10.70 -16.40 29.52
CA LYS A 71 11.52 -15.34 28.97
C LYS A 71 11.59 -15.47 27.45
N VAL A 72 11.19 -14.43 26.76
CA VAL A 72 11.21 -14.41 25.31
C VAL A 72 12.40 -13.58 24.88
N VAL A 73 13.19 -14.09 23.92
CA VAL A 73 14.24 -13.34 23.25
C VAL A 73 13.80 -13.15 21.82
N ASP A 74 13.81 -11.91 21.36
CA ASP A 74 13.33 -11.46 20.04
C ASP A 74 14.50 -10.89 19.26
N LEU A 75 15.04 -11.69 18.36
CA LEU A 75 16.17 -11.32 17.53
C LEU A 75 15.68 -10.63 16.28
N GLY A 76 16.19 -9.42 16.04
CA GLY A 76 15.67 -8.65 14.94
C GLY A 76 14.33 -8.04 15.29
N CYS A 77 14.24 -7.38 16.44
CA CYS A 77 12.95 -6.96 16.94
C CYS A 77 12.40 -5.72 16.25
N GLY A 78 13.26 -4.98 15.55
CA GLY A 78 12.81 -3.78 14.85
C GLY A 78 12.06 -2.83 15.77
N ARG A 79 10.95 -2.31 15.26
CA ARG A 79 10.14 -1.40 16.06
C ARG A 79 9.58 -2.10 17.28
N GLY A 80 9.45 -3.42 17.24
CA GLY A 80 8.96 -4.18 18.38
C GLY A 80 7.56 -4.86 18.26
N GLY A 81 7.06 -5.07 17.06
CA GLY A 81 5.76 -5.69 16.91
C GLY A 81 5.64 -7.02 17.66
N TRP A 82 6.64 -7.91 17.50
CA TRP A 82 6.56 -9.24 18.11
C TRP A 82 6.75 -9.16 19.61
N SER A 83 7.63 -8.24 20.05
CA SER A 83 7.91 -8.16 21.48
C SER A 83 6.68 -7.69 22.24
N TYR A 84 5.99 -6.65 21.73
CA TYR A 84 4.84 -6.12 22.48
C TYR A 84 3.68 -7.10 22.45
N TYR A 85 3.48 -7.78 21.33
CA TYR A 85 2.42 -8.79 21.32
C TYR A 85 2.69 -9.88 22.35
N ALA A 86 3.94 -10.38 22.39
CA ALA A 86 4.28 -11.44 23.35
C ALA A 86 4.05 -10.95 24.78
N ALA A 87 4.31 -9.68 25.03
CA ALA A 87 4.17 -9.13 26.37
C ALA A 87 2.74 -9.15 26.87
N THR A 88 1.77 -9.27 25.96
CA THR A 88 0.38 -9.32 26.38
C THR A 88 -0.06 -10.71 26.82
N LEU A 89 0.75 -11.72 26.55
CA LEU A 89 0.33 -13.09 26.72
C LEU A 89 0.67 -13.61 28.11
N LYS A 90 -0.23 -14.45 28.64
CA LYS A 90 -0.19 -14.82 30.04
C LYS A 90 1.07 -15.60 30.42
N GLY A 91 1.48 -16.56 29.61
CA GLY A 91 2.66 -17.33 29.96
C GLY A 91 3.92 -16.50 30.10
N VAL A 92 3.98 -15.32 29.40
CA VAL A 92 5.20 -14.57 29.20
C VAL A 92 5.50 -13.72 30.41
N GLN A 93 6.79 -13.71 30.81
CA GLN A 93 7.26 -13.02 31.99
C GLN A 93 8.26 -11.91 31.68
N GLU A 94 8.96 -11.98 30.56
CA GLU A 94 10.07 -11.08 30.28
C GLU A 94 10.32 -11.18 28.80
N VAL A 95 10.51 -10.03 28.15
CA VAL A 95 10.77 -10.00 26.71
C VAL A 95 12.01 -9.16 26.45
N ARG A 96 13.02 -9.78 25.84
CA ARG A 96 14.31 -9.13 25.56
C ARG A 96 14.44 -9.09 24.06
N GLY A 97 14.41 -7.90 23.48
CA GLY A 97 14.48 -7.72 22.03
C GLY A 97 15.81 -7.10 21.66
N TYR A 98 16.34 -7.49 20.52
CA TYR A 98 17.61 -6.98 20.01
C TYR A 98 17.44 -6.66 18.54
N THR A 99 18.02 -5.52 18.12
CA THR A 99 17.89 -5.14 16.71
C THR A 99 19.05 -4.24 16.29
N LYS A 100 19.38 -4.33 15.01
CA LYS A 100 20.58 -3.67 14.51
C LYS A 100 20.49 -2.14 14.69
N GLY A 101 19.43 -1.54 14.18
CA GLY A 101 19.31 -0.13 14.29
C GLY A 101 20.38 0.51 13.43
N GLY A 102 20.51 1.80 13.60
CA GLY A 102 21.40 2.54 12.75
C GLY A 102 20.60 3.07 11.58
N PRO A 103 21.25 3.82 10.68
CA PRO A 103 20.52 4.34 9.52
C PRO A 103 19.99 3.22 8.64
N GLY A 104 18.78 3.40 8.16
CA GLY A 104 18.15 2.42 7.29
C GLY A 104 17.74 1.12 7.95
N HIS A 105 17.69 1.07 9.28
CA HIS A 105 17.22 -0.09 10.02
C HIS A 105 16.32 0.38 11.15
N GLU A 106 15.16 -0.27 11.30
CA GLU A 106 14.13 0.23 12.17
C GLU A 106 14.63 0.34 13.60
N GLU A 107 14.24 1.42 14.28
CA GLU A 107 14.53 1.64 15.68
C GLU A 107 13.36 1.16 16.54
N PRO A 108 13.64 0.56 17.68
CA PRO A 108 12.55 0.21 18.59
C PRO A 108 11.71 1.45 18.94
N MET A 109 10.38 1.24 19.02
CA MET A 109 9.46 2.26 19.47
C MET A 109 9.03 1.95 20.90
N LEU A 110 9.00 2.97 21.74
CA LEU A 110 8.49 2.85 23.09
C LEU A 110 6.99 2.95 23.06
N MET A 111 6.32 2.00 23.69
CA MET A 111 4.86 1.97 23.73
C MET A 111 4.42 1.59 25.14
N GLN A 112 3.13 1.80 25.39
CA GLN A 112 2.50 1.44 26.65
C GLN A 112 1.33 0.49 26.43
N SER A 113 1.52 -0.44 25.52
CA SER A 113 0.60 -1.55 25.38
C SER A 113 0.68 -2.50 26.58
N TYR A 114 -0.37 -3.31 26.72
CA TYR A 114 -0.46 -4.22 27.85
C TYR A 114 0.80 -5.07 27.99
N GLY A 115 1.38 -5.03 29.20
CA GLY A 115 2.62 -5.74 29.52
C GLY A 115 3.89 -5.04 29.09
N TRP A 116 3.82 -3.74 28.79
CA TRP A 116 4.97 -3.05 28.26
C TRP A 116 6.12 -2.97 29.24
N ASN A 117 5.82 -2.98 30.54
CA ASN A 117 6.87 -2.93 31.54
C ASN A 117 7.73 -4.18 31.49
N LEU A 118 7.20 -5.26 30.89
CA LEU A 118 7.93 -6.49 30.73
C LEU A 118 8.90 -6.46 29.56
N VAL A 119 8.92 -5.40 28.76
CA VAL A 119 9.67 -5.33 27.52
C VAL A 119 10.93 -4.50 27.70
N THR A 120 12.06 -5.03 27.25
CA THR A 120 13.31 -4.30 27.10
C THR A 120 13.87 -4.58 25.71
N MET A 121 13.95 -3.56 24.89
CA MET A 121 14.56 -3.63 23.57
C MET A 121 15.85 -2.83 23.51
N LYS A 122 16.90 -3.41 22.96
CA LYS A 122 18.21 -2.76 22.83
C LYS A 122 18.50 -2.67 21.34
N SER A 123 18.57 -1.46 20.83
CA SER A 123 19.01 -1.22 19.47
C SER A 123 20.53 -1.17 19.42
N GLY A 124 21.05 -1.19 18.20
CA GLY A 124 22.48 -1.15 18.04
C GLY A 124 23.15 -2.47 18.27
N VAL A 125 22.43 -3.56 18.06
CA VAL A 125 22.92 -4.90 18.35
C VAL A 125 22.82 -5.73 17.07
N ASP A 126 23.99 -6.16 16.58
CA ASP A 126 24.08 -7.05 15.44
C ASP A 126 24.05 -8.46 16.02
N VAL A 127 22.93 -9.16 15.83
CA VAL A 127 22.77 -10.46 16.48
C VAL A 127 23.80 -11.49 16.01
N TYR A 128 24.39 -11.30 14.84
CA TYR A 128 25.37 -12.29 14.38
C TYR A 128 26.59 -12.32 15.29
N TYR A 129 26.77 -11.31 16.14
CA TYR A 129 27.87 -11.25 17.09
C TYR A 129 27.41 -11.21 18.53
N LYS A 130 26.10 -11.34 18.81
CA LYS A 130 25.65 -11.34 20.20
C LYS A 130 25.68 -12.76 20.77
N PRO A 131 26.31 -12.98 21.89
CA PRO A 131 26.28 -14.32 22.48
C PRO A 131 24.89 -14.68 22.95
N SER A 132 24.59 -15.96 22.86
CA SER A 132 23.32 -16.49 23.32
C SER A 132 23.19 -16.35 24.84
N GLU A 133 21.94 -16.30 25.28
CA GLU A 133 21.58 -16.23 26.68
C GLU A 133 20.39 -17.17 26.94
N PRO A 134 20.19 -17.57 28.20
CA PRO A 134 19.08 -18.50 28.47
C PRO A 134 17.77 -17.93 27.99
N CYS A 135 16.89 -18.79 27.45
CA CYS A 135 15.55 -18.29 27.19
C CYS A 135 14.58 -19.47 27.07
N ASP A 136 13.30 -19.16 27.19
CA ASP A 136 12.23 -20.15 27.07
C ASP A 136 11.56 -20.12 25.73
N THR A 137 11.56 -18.97 25.06
CA THR A 137 10.92 -18.75 23.76
C THR A 137 11.90 -17.96 22.93
N LEU A 138 12.13 -18.41 21.69
CA LEU A 138 13.05 -17.76 20.77
C LEU A 138 12.26 -17.29 19.56
N PHE A 139 12.36 -16.00 19.28
CA PHE A 139 11.84 -15.39 18.07
C PHE A 139 13.00 -14.92 17.20
N CYS A 140 12.82 -15.00 15.89
CA CYS A 140 13.72 -14.30 14.98
C CYS A 140 13.02 -14.01 13.67
N ASP A 141 13.03 -12.75 13.27
CA ASP A 141 12.22 -12.29 12.14
C ASP A 141 13.08 -11.53 11.14
N ILE A 142 14.32 -12.01 10.96
CA ILE A 142 15.32 -11.34 10.14
C ILE A 142 15.36 -11.99 8.77
N GLY A 143 15.47 -11.15 7.74
CA GLY A 143 15.66 -11.58 6.36
C GLY A 143 15.32 -10.50 5.34
N GLU A 144 16.33 -9.81 4.83
CA GLU A 144 16.10 -8.77 3.85
C GLU A 144 15.87 -9.40 2.49
N SER A 145 14.71 -9.16 1.91
CA SER A 145 14.44 -9.73 0.59
C SER A 145 15.45 -9.22 -0.45
N SER A 146 15.48 -9.90 -1.59
CA SER A 146 16.42 -9.60 -2.66
C SER A 146 15.98 -10.29 -3.95
N SER A 147 16.14 -9.59 -5.07
CA SER A 147 15.80 -10.18 -6.35
C SER A 147 16.62 -11.42 -6.65
N SER A 148 17.83 -11.48 -6.15
CA SER A 148 18.64 -12.66 -6.33
C SER A 148 18.21 -13.72 -5.31
N ALA A 149 17.84 -14.91 -5.80
CA ALA A 149 17.56 -16.01 -4.90
C ALA A 149 18.82 -16.56 -4.26
N GLU A 150 19.99 -16.41 -4.89
CA GLU A 150 21.24 -16.80 -4.24
C GLU A 150 21.61 -15.87 -3.08
N VAL A 151 21.34 -14.57 -3.23
CA VAL A 151 21.53 -13.67 -2.12
C VAL A 151 20.59 -14.04 -0.99
N GLU A 152 19.31 -14.25 -1.31
CA GLU A 152 18.36 -14.65 -0.28
C GLU A 152 18.78 -15.95 0.35
N GLU A 153 19.37 -16.85 -0.42
CA GLU A 153 19.82 -18.13 0.15
C GLU A 153 20.92 -17.91 1.18
N GLN A 154 21.98 -17.19 0.81
CA GLN A 154 23.05 -16.97 1.77
C GLN A 154 22.53 -16.25 3.01
N ARG A 155 21.64 -15.28 2.83
CA ARG A 155 21.06 -14.58 3.97
C ARG A 155 20.34 -15.57 4.88
N THR A 156 19.55 -16.48 4.30
CA THR A 156 18.79 -17.45 5.07
C THR A 156 19.68 -18.41 5.83
N LEU A 157 20.71 -18.93 5.18
CA LEU A 157 21.58 -19.89 5.84
C LEU A 157 22.36 -19.24 6.98
N ARG A 158 22.72 -17.96 6.83
CA ARG A 158 23.44 -17.27 7.89
C ARG A 158 22.58 -17.14 9.14
N ILE A 159 21.30 -16.82 8.93
CA ILE A 159 20.35 -16.78 10.03
C ILE A 159 20.22 -18.13 10.69
N LEU A 160 20.09 -19.18 9.91
CA LEU A 160 19.88 -20.52 10.47
C LEU A 160 21.12 -21.06 11.16
N GLU A 161 22.32 -20.56 10.81
CA GLU A 161 23.54 -20.81 11.57
C GLU A 161 23.46 -20.14 12.93
N MET A 162 23.09 -18.88 12.93
CA MET A 162 23.05 -18.09 14.16
C MET A 162 22.00 -18.62 15.11
N VAL A 163 20.84 -19.01 14.59
CA VAL A 163 19.75 -19.41 15.47
C VAL A 163 20.10 -20.68 16.23
N SER A 164 20.85 -21.58 15.59
CA SER A 164 21.16 -22.86 16.21
C SER A 164 21.83 -22.68 17.55
N ASP A 165 22.71 -21.69 17.69
CA ASP A 165 23.37 -21.51 18.98
C ASP A 165 22.40 -21.04 20.06
N TRP A 166 21.32 -20.38 19.69
CA TRP A 166 20.29 -20.05 20.67
C TRP A 166 19.45 -21.27 21.03
N LEU A 167 19.04 -22.03 20.01
CA LEU A 167 18.26 -23.23 20.29
C LEU A 167 19.04 -24.22 21.13
N GLN A 168 20.37 -24.18 21.06
CA GLN A 168 21.18 -25.09 21.87
C GLN A 168 20.97 -24.85 23.37
N ARG A 169 20.32 -23.75 23.74
CA ARG A 169 20.11 -23.41 25.13
C ARG A 169 18.78 -23.86 25.69
N GLY A 170 17.97 -24.53 24.89
CA GLY A 170 16.85 -25.24 25.44
C GLY A 170 15.45 -24.74 25.16
N PRO A 171 15.27 -23.54 24.59
CA PRO A 171 13.89 -23.05 24.43
C PRO A 171 13.12 -23.97 23.53
N ARG A 172 11.96 -24.44 23.98
CA ARG A 172 11.17 -25.37 23.16
C ARG A 172 10.01 -24.69 22.44
N GLU A 173 9.86 -23.38 22.60
CA GLU A 173 8.93 -22.60 21.83
C GLU A 173 9.78 -21.70 20.94
N PHE A 174 9.56 -21.73 19.65
CA PHE A 174 10.32 -20.82 18.80
C PHE A 174 9.56 -20.49 17.53
N CYS A 175 10.02 -19.42 16.89
CA CYS A 175 9.35 -18.88 15.71
C CYS A 175 10.41 -18.10 14.94
N ILE A 176 10.87 -18.64 13.81
CA ILE A 176 12.07 -18.18 13.13
C ILE A 176 11.74 -17.99 11.66
N LYS A 177 11.89 -16.78 11.16
CA LYS A 177 11.64 -16.55 9.76
C LYS A 177 12.67 -17.24 8.88
N VAL A 178 12.19 -17.91 7.82
CA VAL A 178 13.03 -18.46 6.76
C VAL A 178 12.69 -17.68 5.50
N LEU A 179 13.58 -16.77 5.13
CA LEU A 179 13.30 -15.86 4.01
C LEU A 179 13.13 -16.62 2.70
N CYS A 180 14.02 -17.58 2.46
CA CYS A 180 14.17 -18.28 1.20
C CYS A 180 14.08 -19.77 1.40
N PRO A 181 12.87 -20.29 1.62
CA PRO A 181 12.75 -21.70 1.97
C PRO A 181 12.72 -22.65 0.80
N TYR A 182 12.73 -22.14 -0.43
CA TYR A 182 12.64 -22.97 -1.62
C TYR A 182 13.99 -23.32 -2.22
N MET A 183 15.07 -22.82 -1.69
CA MET A 183 16.38 -23.21 -2.21
C MET A 183 16.82 -24.53 -1.59
N PRO A 184 17.45 -25.41 -2.40
CA PRO A 184 17.85 -26.73 -1.86
C PRO A 184 18.75 -26.69 -0.65
N ARG A 185 19.81 -25.88 -0.64
CA ARG A 185 20.66 -25.83 0.53
C ARG A 185 19.87 -25.43 1.78
N VAL A 186 18.83 -24.61 1.61
CA VAL A 186 18.05 -24.17 2.75
C VAL A 186 17.12 -25.28 3.20
N MET A 187 16.54 -26.01 2.24
CA MET A 187 15.70 -27.14 2.60
C MET A 187 16.51 -28.20 3.36
N GLU A 188 17.71 -28.48 2.89
CA GLU A 188 18.56 -29.46 3.52
C GLU A 188 18.90 -29.05 4.94
N ARG A 189 19.30 -27.80 5.13
CA ARG A 189 19.60 -27.31 6.48
C ARG A 189 18.40 -27.42 7.41
N LEU A 190 17.20 -27.11 6.90
CA LEU A 190 16.00 -27.19 7.75
C LEU A 190 15.71 -28.62 8.19
N GLU A 191 15.87 -29.60 7.31
CA GLU A 191 15.66 -30.99 7.70
C GLU A 191 16.61 -31.38 8.81
N VAL A 192 17.89 -30.99 8.69
CA VAL A 192 18.85 -31.23 9.76
C VAL A 192 18.39 -30.56 11.03
N LEU A 193 18.07 -29.27 10.96
CA LEU A 193 17.63 -28.58 12.16
C LEU A 193 16.32 -29.17 12.67
N GLN A 194 15.42 -29.57 11.76
CA GLN A 194 14.17 -30.17 12.20
C GLN A 194 14.41 -31.50 12.93
N ARG A 195 15.38 -32.26 12.45
CA ARG A 195 15.71 -33.50 13.15
C ARG A 195 16.16 -33.21 14.56
N ARG A 196 16.88 -32.09 14.76
CA ARG A 196 17.52 -31.75 16.04
C ARG A 196 16.53 -31.10 16.99
N TYR A 197 15.73 -30.14 16.50
CA TYR A 197 14.90 -29.34 17.39
C TYR A 197 13.40 -29.38 17.07
N GLY A 198 12.98 -30.14 16.07
CA GLY A 198 11.56 -30.31 15.78
C GLY A 198 10.93 -29.16 15.00
N GLY A 199 9.61 -29.04 15.18
CA GLY A 199 8.86 -28.02 14.53
C GLY A 199 8.72 -28.32 13.07
N GLY A 200 8.14 -27.35 12.39
CA GLY A 200 7.95 -27.38 10.95
C GLY A 200 7.68 -25.98 10.44
N LEU A 201 7.31 -25.88 9.16
CA LEU A 201 7.20 -24.60 8.46
C LEU A 201 5.76 -24.27 8.17
N VAL A 202 5.40 -22.98 8.34
CA VAL A 202 4.05 -22.48 8.06
C VAL A 202 4.16 -21.20 7.26
N ARG A 203 3.22 -21.01 6.34
CA ARG A 203 3.10 -19.80 5.53
C ARG A 203 2.01 -18.98 6.18
N VAL A 204 2.35 -17.78 6.63
CA VAL A 204 1.36 -16.87 7.22
C VAL A 204 0.59 -16.14 6.12
N PRO A 205 -0.75 -16.19 6.12
CA PRO A 205 -1.47 -15.58 5.00
C PRO A 205 -1.31 -14.11 4.95
N LEU A 206 -0.81 -13.45 5.99
CA LEU A 206 -0.55 -12.02 5.95
C LEU A 206 0.71 -11.67 5.17
N SER A 207 1.50 -12.66 4.80
CA SER A 207 2.69 -12.39 4.01
C SER A 207 2.28 -11.93 2.64
N ARG A 208 3.11 -11.07 2.04
CA ARG A 208 2.89 -10.61 0.67
C ARG A 208 3.34 -11.67 -0.32
N ASN A 209 2.66 -11.75 -1.46
CA ASN A 209 3.05 -12.72 -2.48
C ASN A 209 4.41 -12.40 -3.12
N SER A 210 4.93 -11.20 -2.90
CA SER A 210 6.18 -10.78 -3.49
C SER A 210 7.35 -11.46 -2.81
N ASN A 211 7.10 -12.21 -1.73
CA ASN A 211 8.16 -12.97 -1.08
C ASN A 211 7.61 -14.31 -0.61
N HIS A 212 8.52 -15.27 -0.49
CA HIS A 212 8.17 -16.65 -0.16
C HIS A 212 8.45 -16.96 1.31
N GLU A 213 8.52 -15.94 2.16
CA GLU A 213 8.92 -16.19 3.54
C GLU A 213 8.01 -17.24 4.19
N MET A 214 8.62 -18.14 4.97
CA MET A 214 7.88 -19.07 5.80
C MET A 214 8.52 -19.05 7.18
N TYR A 215 7.83 -19.54 8.18
CA TYR A 215 8.29 -19.46 9.55
C TYR A 215 8.45 -20.86 10.08
N TRP A 216 9.68 -21.18 10.51
CA TRP A 216 10.01 -22.42 11.20
C TRP A 216 9.52 -22.24 12.64
N VAL A 217 8.51 -22.98 13.03
CA VAL A 217 7.87 -22.82 14.32
C VAL A 217 7.75 -24.16 15.01
N SER A 218 7.91 -24.14 16.32
CA SER A 218 8.00 -25.34 17.13
C SER A 218 6.70 -26.14 17.17
N GLY A 219 5.58 -25.53 16.82
CA GLY A 219 4.33 -26.23 16.89
C GLY A 219 3.85 -26.85 15.62
N ALA A 220 4.55 -26.68 14.53
CA ALA A 220 4.25 -27.36 13.29
C ALA A 220 5.06 -28.63 13.19
N ALA A 221 4.81 -29.39 12.13
CA ALA A 221 5.51 -30.64 11.90
C ALA A 221 5.28 -31.09 10.46
N GLY A 222 5.91 -32.20 10.10
CA GLY A 222 5.70 -32.76 8.77
C GLY A 222 6.80 -32.36 7.82
N ASN A 223 6.64 -32.85 6.60
CA ASN A 223 7.68 -32.74 5.58
C ASN A 223 7.97 -31.29 5.25
N ILE A 224 9.21 -30.88 5.50
CA ILE A 224 9.66 -29.53 5.18
C ILE A 224 9.48 -29.25 3.69
N VAL A 225 9.95 -30.17 2.84
CA VAL A 225 9.97 -29.89 1.41
C VAL A 225 8.56 -29.73 0.88
N HIS A 226 7.61 -30.52 1.40
CA HIS A 226 6.33 -30.47 0.71
C HIS A 226 5.56 -29.21 1.15
N ALA A 227 5.68 -28.87 2.45
CA ALA A 227 5.10 -27.63 2.94
C ALA A 227 5.58 -26.44 2.13
N VAL A 228 6.88 -26.46 1.73
CA VAL A 228 7.42 -25.39 0.87
C VAL A 228 6.71 -25.40 -0.48
N ASN A 229 6.70 -26.56 -1.15
CA ASN A 229 6.09 -26.68 -2.47
C ASN A 229 4.62 -26.28 -2.47
N MET A 230 3.87 -26.65 -1.42
CA MET A 230 2.46 -26.28 -1.34
C MET A 230 2.27 -24.77 -1.42
N THR A 231 3.09 -24.02 -0.65
CA THR A 231 3.04 -22.55 -0.74
C THR A 231 3.54 -22.05 -2.08
N SER A 232 4.58 -22.68 -2.61
CA SER A 232 5.02 -22.33 -3.96
C SER A 232 3.84 -22.42 -4.93
N GLN A 233 3.05 -23.50 -4.80
CA GLN A 233 1.95 -23.68 -5.73
C GLN A 233 0.93 -22.56 -5.60
N VAL A 234 0.64 -22.14 -4.37
CA VAL A 234 -0.30 -21.06 -4.14
C VAL A 234 0.20 -19.79 -4.82
N LEU A 235 1.45 -19.40 -4.53
CA LEU A 235 1.99 -18.18 -5.09
C LEU A 235 1.98 -18.21 -6.62
N ILE A 236 2.31 -19.35 -7.22
CA ILE A 236 2.24 -19.41 -8.68
C ILE A 236 0.79 -19.28 -9.12
N GLY A 237 -0.11 -20.02 -8.47
CA GLY A 237 -1.52 -19.94 -8.83
C GLY A 237 -2.04 -18.52 -8.85
N ARG A 238 -1.51 -17.67 -7.96
CA ARG A 238 -2.01 -16.29 -7.89
C ARG A 238 -1.41 -15.41 -9.00
N MET A 239 -0.23 -15.77 -9.50
CA MET A 239 0.38 -15.01 -10.59
C MET A 239 -0.35 -15.21 -11.90
N GLU A 240 -1.14 -16.27 -12.01
CA GLU A 240 -1.77 -16.68 -13.25
C GLU A 240 -3.26 -16.36 -13.30
N LYS A 241 -3.86 -15.85 -12.24
CA LYS A 241 -5.25 -15.44 -12.32
C LYS A 241 -5.39 -14.27 -13.30
N ARG A 242 -6.53 -14.24 -14.00
CA ARG A 242 -6.74 -13.17 -14.97
C ARG A 242 -7.51 -11.97 -14.45
N THR A 243 -8.44 -12.17 -13.51
CA THR A 243 -9.09 -11.06 -12.84
C THR A 243 -8.42 -10.88 -11.47
N TRP A 244 -7.83 -9.71 -11.27
CA TRP A 244 -7.28 -9.37 -9.97
C TRP A 244 -8.37 -8.90 -9.01
N HIS A 245 -8.11 -9.02 -7.70
CA HIS A 245 -9.18 -8.77 -6.76
C HIS A 245 -8.72 -7.95 -5.56
N GLY A 246 -7.43 -8.01 -5.24
CA GLY A 246 -6.91 -7.26 -4.12
C GLY A 246 -6.86 -8.08 -2.85
N PRO A 247 -6.36 -7.51 -1.77
CA PRO A 247 -6.22 -8.25 -0.51
C PRO A 247 -7.56 -8.36 0.21
N LYS A 248 -7.58 -9.25 1.19
CA LYS A 248 -8.72 -9.42 2.09
C LYS A 248 -8.38 -8.69 3.39
N TYR A 249 -9.11 -7.62 3.67
CA TYR A 249 -8.75 -6.80 4.82
C TYR A 249 -9.35 -7.37 6.09
N GLU A 250 -8.63 -7.18 7.21
N GLU A 250 -8.64 -7.16 7.21
CA GLU A 250 -9.08 -7.60 8.51
CA GLU A 250 -9.10 -7.60 8.52
C GLU A 250 -8.62 -6.58 9.55
C GLU A 250 -8.61 -6.59 9.56
N GLU A 251 -9.27 -6.58 10.70
CA GLU A 251 -8.92 -5.62 11.74
C GLU A 251 -7.64 -6.08 12.44
N ASP A 252 -6.85 -5.10 12.86
CA ASP A 252 -5.61 -5.31 13.58
C ASP A 252 -5.88 -5.76 15.02
N VAL A 253 -4.83 -6.33 15.63
CA VAL A 253 -4.88 -6.74 17.01
C VAL A 253 -4.83 -5.50 17.88
N ASN A 254 -5.65 -5.48 18.91
CA ASN A 254 -5.65 -4.42 19.89
C ASN A 254 -4.84 -4.92 21.10
N LEU A 255 -3.71 -4.29 21.37
CA LEU A 255 -2.77 -4.72 22.38
C LEU A 255 -3.08 -4.07 23.72
N GLY A 256 -4.12 -3.26 23.80
CA GLY A 256 -4.55 -2.73 25.08
C GLY A 256 -3.48 -1.88 25.75
N SER A 257 -3.57 -1.79 27.08
CA SER A 257 -2.62 -0.97 27.83
C SER A 257 -2.55 -1.48 29.26
N GLY A 258 -1.61 -0.90 30.00
CA GLY A 258 -1.42 -1.19 31.40
C GLY A 258 -0.17 -2.02 31.67
N THR A 259 0.28 -1.96 32.92
CA THR A 259 1.42 -2.73 33.37
C THR A 259 0.95 -4.13 33.80
N ARG A 260 1.90 -5.07 33.79
CA ARG A 260 1.72 -6.42 34.32
C ARG A 260 2.68 -6.61 35.50
N ALA A 261 2.28 -7.43 36.47
CA ALA A 261 3.07 -7.58 37.70
C ALA A 261 4.52 -7.97 37.48
N ARG B 1 14.31 14.88 -23.78
CA ARG B 1 14.12 16.29 -24.11
C ARG B 1 13.54 17.00 -22.89
N THR B 2 12.26 16.78 -22.61
CA THR B 2 11.65 17.51 -21.51
C THR B 2 12.06 16.87 -20.18
N LEU B 3 11.96 17.65 -19.11
CA LEU B 3 12.33 17.12 -17.81
C LEU B 3 11.43 15.93 -17.43
N GLY B 4 10.14 16.02 -17.70
CA GLY B 4 9.28 14.87 -17.47
C GLY B 4 9.61 13.70 -18.38
N GLU B 5 10.08 13.99 -19.60
CA GLU B 5 10.55 12.92 -20.47
C GLU B 5 11.74 12.20 -19.86
N GLN B 6 12.63 12.94 -19.21
CA GLN B 6 13.80 12.31 -18.57
C GLN B 6 13.37 11.51 -17.35
N TRP B 7 12.43 12.04 -16.58
CA TRP B 7 11.87 11.32 -15.44
C TRP B 7 11.25 10.00 -15.87
N LYS B 8 10.57 9.99 -17.02
CA LYS B 8 9.96 8.75 -17.49
C LYS B 8 11.01 7.69 -17.77
N GLU B 9 12.05 8.06 -18.52
CA GLU B 9 13.18 7.17 -18.77
C GLU B 9 13.71 6.63 -17.45
N LYS B 10 14.04 7.54 -16.53
CA LYS B 10 14.52 7.13 -15.21
C LYS B 10 13.52 6.20 -14.53
N LEU B 11 12.25 6.60 -14.52
CA LEU B 11 11.25 5.79 -13.84
C LEU B 11 11.25 4.36 -14.36
N ASN B 12 11.20 4.19 -15.69
CA ASN B 12 11.15 2.87 -16.27
C ASN B 12 12.39 2.06 -15.97
N GLY B 13 13.51 2.71 -15.71
CA GLY B 13 14.74 2.02 -15.37
C GLY B 13 14.89 1.66 -13.90
N LEU B 14 13.83 1.75 -13.14
CA LEU B 14 13.87 1.41 -11.74
C LEU B 14 13.66 -0.09 -11.52
N SER B 15 14.38 -0.64 -10.55
CA SER B 15 14.10 -1.97 -10.03
C SER B 15 12.73 -2.02 -9.36
N LYS B 16 12.18 -3.24 -9.27
CA LYS B 16 10.88 -3.37 -8.62
C LYS B 16 10.93 -2.91 -7.15
N GLU B 17 12.06 -3.12 -6.46
CA GLU B 17 12.15 -2.72 -5.07
C GLU B 17 12.30 -1.21 -4.94
N ASP B 18 13.04 -0.58 -5.85
CA ASP B 18 13.20 0.88 -5.81
C ASP B 18 11.89 1.56 -6.20
N PHE B 19 11.26 1.08 -7.26
CA PHE B 19 9.90 1.49 -7.59
C PHE B 19 9.02 1.60 -6.34
N LEU B 20 8.93 0.51 -5.58
CA LEU B 20 8.07 0.46 -4.39
C LEU B 20 8.38 1.57 -3.40
N LYS B 21 9.65 1.75 -3.04
CA LYS B 21 9.96 2.83 -2.11
C LYS B 21 9.65 4.20 -2.73
N TYR B 22 9.92 4.35 -4.03
CA TYR B 22 9.88 5.67 -4.64
C TYR B 22 8.45 6.17 -4.77
N ARG B 23 7.53 5.31 -5.18
CA ARG B 23 6.21 5.79 -5.57
C ARG B 23 5.52 6.57 -4.46
N LYS B 24 5.75 6.23 -3.20
CA LYS B 24 5.05 6.87 -2.09
C LYS B 24 5.96 7.77 -1.26
N GLU B 25 7.18 8.03 -1.72
CA GLU B 25 8.13 8.76 -0.90
C GLU B 25 7.77 10.24 -0.88
N ALA B 26 7.43 10.74 0.31
CA ALA B 26 7.08 12.13 0.55
C ALA B 26 5.72 12.57 0.01
N ILE B 27 4.93 11.64 -0.53
CA ILE B 27 3.59 11.99 -0.96
C ILE B 27 2.67 12.03 0.23
N THR B 28 1.49 12.61 0.04
CA THR B 28 0.46 12.65 1.06
C THR B 28 -0.49 11.51 0.81
N GLU B 29 -0.51 10.51 1.70
CA GLU B 29 -1.32 9.31 1.54
C GLU B 29 -2.44 9.35 2.56
N VAL B 30 -3.61 8.83 2.18
CA VAL B 30 -4.76 8.91 3.03
C VAL B 30 -5.00 7.60 3.76
N ASP B 31 -5.91 7.61 4.73
CA ASP B 31 -6.38 6.46 5.49
C ASP B 31 -7.28 5.54 4.68
N ARG B 32 -6.71 4.89 3.67
CA ARG B 32 -7.56 4.04 2.85
C ARG B 32 -7.77 2.67 3.49
N SER B 33 -6.76 2.19 4.23
CA SER B 33 -6.78 0.82 4.72
C SER B 33 -8.10 0.49 5.40
N ALA B 34 -8.68 1.46 6.14
CA ALA B 34 -9.92 1.22 6.88
C ALA B 34 -11.18 1.37 6.03
N ALA B 35 -11.15 2.14 4.96
CA ALA B 35 -12.33 2.26 4.13
C ALA B 35 -12.70 0.96 3.43
N ARG B 36 -11.81 -0.04 3.48
CA ARG B 36 -12.04 -1.36 2.90
C ARG B 36 -12.82 -2.27 3.86
N LYS B 37 -13.17 -1.77 5.03
CA LYS B 37 -14.01 -2.49 5.98
C LYS B 37 -15.48 -2.29 5.67
N ALA B 38 -15.94 -1.01 5.69
CA ALA B 38 -17.30 -0.70 5.25
C ALA B 38 -17.54 -1.34 3.89
N ARG B 39 -16.52 -1.34 3.04
CA ARG B 39 -16.62 -2.03 1.75
C ARG B 39 -16.87 -3.52 1.97
N ARG B 40 -16.03 -4.14 2.80
CA ARG B 40 -16.25 -5.54 3.13
C ARG B 40 -17.67 -5.73 3.65
N ASP B 41 -17.99 -5.05 4.75
CA ASP B 41 -19.27 -5.23 5.44
C ASP B 41 -20.40 -4.43 4.82
N GLY B 42 -20.17 -3.85 3.65
CA GLY B 42 -21.23 -3.09 2.98
C GLY B 42 -21.95 -2.09 3.86
N ASN B 43 -21.21 -1.36 4.70
CA ASN B 43 -21.75 -0.22 5.44
C ASN B 43 -21.70 0.99 4.49
N LYS B 44 -22.85 1.36 3.95
CA LYS B 44 -22.98 2.49 3.04
C LYS B 44 -23.07 3.83 3.76
N THR B 45 -23.22 3.81 5.10
CA THR B 45 -23.56 5.00 5.88
C THR B 45 -22.37 5.61 6.61
N GLY B 46 -21.22 4.96 6.58
CA GLY B 46 -20.12 5.39 7.43
C GLY B 46 -19.49 6.71 7.04
N GLY B 47 -19.70 7.17 5.81
CA GLY B 47 -18.97 8.32 5.34
C GLY B 47 -17.59 8.03 4.83
N HIS B 48 -17.21 6.78 4.74
CA HIS B 48 -15.93 6.36 4.18
C HIS B 48 -15.88 6.53 2.66
N PRO B 49 -14.93 7.29 2.12
CA PRO B 49 -14.91 7.49 0.66
C PRO B 49 -14.68 6.19 -0.08
N VAL B 50 -15.30 6.11 -1.27
CA VAL B 50 -15.19 4.89 -2.04
C VAL B 50 -13.84 4.73 -2.73
N SER B 51 -13.05 5.80 -2.80
CA SER B 51 -11.74 5.69 -3.42
C SER B 51 -10.85 6.81 -2.87
N ARG B 52 -9.56 6.76 -3.23
CA ARG B 52 -8.62 7.83 -2.98
C ARG B 52 -9.03 9.11 -3.68
N GLY B 53 -9.92 9.02 -4.67
CA GLY B 53 -10.24 10.19 -5.47
C GLY B 53 -10.91 11.28 -4.67
N SER B 54 -11.81 10.91 -3.76
CA SER B 54 -12.45 11.92 -2.93
C SER B 54 -11.42 12.85 -2.33
N ALA B 55 -10.34 12.29 -1.77
CA ALA B 55 -9.35 13.15 -1.12
C ALA B 55 -8.55 13.98 -2.11
N LYS B 56 -8.29 13.45 -3.30
CA LYS B 56 -7.55 14.24 -4.27
C LYS B 56 -8.39 15.43 -4.72
N LEU B 57 -9.68 15.20 -4.96
CA LEU B 57 -10.53 16.31 -5.38
C LEU B 57 -10.72 17.30 -4.26
N ARG B 58 -10.91 16.82 -3.04
CA ARG B 58 -11.07 17.73 -1.87
C ARG B 58 -9.87 18.68 -1.85
N TRP B 59 -8.69 18.12 -2.06
CA TRP B 59 -7.50 18.96 -2.01
C TRP B 59 -7.63 20.18 -2.93
N MET B 60 -8.14 19.98 -4.13
CA MET B 60 -8.26 21.06 -5.13
C MET B 60 -9.43 21.99 -4.75
N VAL B 61 -10.52 21.47 -4.20
CA VAL B 61 -11.73 22.29 -3.89
C VAL B 61 -11.44 23.20 -2.71
N GLU B 62 -10.68 22.58 -1.64
CA GLU B 62 -10.45 23.48 -0.49
C GLU B 62 -9.55 24.62 -0.92
N ARG B 63 -8.71 24.53 -1.86
CA ARG B 63 -7.84 25.60 -2.29
C ARG B 63 -8.45 26.42 -3.42
N GLN B 64 -9.69 26.12 -3.81
CA GLN B 64 -10.44 26.91 -4.78
C GLN B 64 -9.83 26.80 -6.16
N PHE B 65 -9.20 25.65 -6.46
CA PHE B 65 -8.80 25.40 -7.83
C PHE B 65 -10.00 25.03 -8.69
N VAL B 66 -11.09 24.59 -8.06
CA VAL B 66 -12.36 24.37 -8.72
C VAL B 66 -13.44 24.50 -7.65
N LYS B 67 -14.57 25.08 -8.03
CA LYS B 67 -15.65 25.38 -7.11
C LYS B 67 -16.93 24.77 -7.65
N PRO B 68 -17.13 23.48 -7.39
CA PRO B 68 -18.30 22.79 -7.94
C PRO B 68 -19.61 23.52 -7.62
N ILE B 69 -20.49 23.58 -8.63
CA ILE B 69 -21.74 24.31 -8.55
C ILE B 69 -22.75 23.70 -9.52
N GLY B 70 -24.00 23.71 -9.12
CA GLY B 70 -25.06 23.41 -10.07
C GLY B 70 -25.04 21.97 -10.49
N LYS B 71 -25.20 21.73 -11.78
CA LYS B 71 -25.17 20.38 -12.32
C LYS B 71 -23.72 20.00 -12.57
N VAL B 72 -23.26 18.92 -11.96
CA VAL B 72 -21.91 18.41 -12.13
C VAL B 72 -22.01 17.20 -13.01
N VAL B 73 -21.20 17.16 -14.09
CA VAL B 73 -21.00 15.96 -14.92
C VAL B 73 -19.61 15.42 -14.64
N ASP B 74 -19.53 14.12 -14.34
CA ASP B 74 -18.29 13.45 -13.90
C ASP B 74 -17.97 12.36 -14.93
N LEU B 75 -17.07 12.67 -15.88
CA LEU B 75 -16.66 11.76 -16.93
C LEU B 75 -15.58 10.83 -16.40
N GLY B 76 -15.78 9.53 -16.58
CA GLY B 76 -14.93 8.51 -16.02
C GLY B 76 -15.07 8.47 -14.53
N CYS B 77 -16.30 8.32 -14.03
CA CYS B 77 -16.53 8.45 -12.60
C CYS B 77 -16.11 7.24 -11.80
N GLY B 78 -15.83 6.12 -12.47
CA GLY B 78 -15.36 4.95 -11.75
C GLY B 78 -16.29 4.59 -10.58
N ARG B 79 -15.70 4.31 -9.43
CA ARG B 79 -16.51 3.96 -8.28
C ARG B 79 -17.36 5.13 -7.83
N GLY B 80 -16.94 6.34 -8.13
CA GLY B 80 -17.70 7.51 -7.78
C GLY B 80 -17.08 8.47 -6.73
N GLY B 81 -15.77 8.36 -6.47
CA GLY B 81 -15.15 9.20 -5.48
C GLY B 81 -15.44 10.66 -5.69
N TRP B 82 -15.26 11.15 -6.93
CA TRP B 82 -15.48 12.57 -7.18
C TRP B 82 -16.94 12.91 -7.15
N SER B 83 -17.78 12.00 -7.60
CA SER B 83 -19.21 12.28 -7.62
C SER B 83 -19.76 12.43 -6.21
N TYR B 84 -19.43 11.50 -5.32
CA TYR B 84 -19.97 11.59 -3.96
C TYR B 84 -19.40 12.79 -3.22
N TYR B 85 -18.12 13.10 -3.44
CA TYR B 85 -17.57 14.27 -2.76
C TYR B 85 -18.29 15.55 -3.19
N ALA B 86 -18.47 15.71 -4.50
CA ALA B 86 -19.15 16.89 -5.03
C ALA B 86 -20.57 17.01 -4.43
N ALA B 87 -21.23 15.88 -4.23
CA ALA B 87 -22.58 15.88 -3.70
C ALA B 87 -22.67 16.41 -2.28
N THR B 88 -21.56 16.49 -1.54
CA THR B 88 -21.57 17.05 -0.18
C THR B 88 -21.46 18.56 -0.19
N LEU B 89 -21.13 19.17 -1.34
CA LEU B 89 -20.86 20.60 -1.39
C LEU B 89 -22.13 21.40 -1.64
N LYS B 90 -22.18 22.60 -1.07
CA LYS B 90 -23.45 23.32 -0.97
C LYS B 90 -23.93 23.84 -2.33
N GLY B 91 -23.01 24.33 -3.15
CA GLY B 91 -23.45 24.82 -4.45
C GLY B 91 -24.05 23.77 -5.36
N VAL B 92 -23.75 22.50 -5.10
CA VAL B 92 -24.05 21.42 -6.02
C VAL B 92 -25.49 20.98 -5.80
N GLN B 93 -26.20 20.77 -6.90
CA GLN B 93 -27.58 20.34 -6.84
C GLN B 93 -27.83 19.01 -7.52
N GLU B 94 -26.92 18.58 -8.39
CA GLU B 94 -27.16 17.39 -9.19
C GLU B 94 -25.81 16.94 -9.72
N VAL B 95 -25.53 15.65 -9.53
CA VAL B 95 -24.29 15.03 -9.97
C VAL B 95 -24.65 13.90 -10.91
N ARG B 96 -24.12 13.97 -12.13
CA ARG B 96 -24.34 12.98 -13.18
C ARG B 96 -23.00 12.37 -13.57
N GLY B 97 -22.82 11.10 -13.26
CA GLY B 97 -21.57 10.39 -13.48
C GLY B 97 -21.71 9.36 -14.57
N TYR B 98 -20.65 9.21 -15.36
CA TYR B 98 -20.56 8.25 -16.43
C TYR B 98 -19.24 7.51 -16.34
N THR B 99 -19.27 6.19 -16.55
CA THR B 99 -18.03 5.42 -16.55
C THR B 99 -18.16 4.14 -17.39
N LYS B 100 -17.03 3.73 -17.94
CA LYS B 100 -17.03 2.66 -18.93
C LYS B 100 -17.56 1.36 -18.34
N GLY B 101 -16.99 0.95 -17.22
CA GLY B 101 -17.43 -0.30 -16.64
C GLY B 101 -17.06 -1.46 -17.53
N GLY B 102 -17.71 -2.58 -17.30
CA GLY B 102 -17.27 -3.81 -17.89
C GLY B 102 -16.10 -4.41 -17.13
N PRO B 103 -15.61 -5.57 -17.62
CA PRO B 103 -14.46 -6.19 -16.95
C PRO B 103 -13.23 -5.30 -17.01
N GLY B 104 -12.49 -5.28 -15.92
CA GLY B 104 -11.28 -4.49 -15.87
C GLY B 104 -11.49 -3.01 -15.72
N HIS B 105 -12.72 -2.56 -15.55
CA HIS B 105 -13.00 -1.17 -15.27
C HIS B 105 -13.95 -1.02 -14.09
N GLU B 106 -13.64 -0.08 -13.22
CA GLU B 106 -14.37 0.03 -11.96
C GLU B 106 -15.83 0.30 -12.24
N GLU B 107 -16.69 -0.35 -11.44
CA GLU B 107 -18.13 -0.13 -11.45
C GLU B 107 -18.51 0.86 -10.37
N PRO B 108 -19.46 1.75 -10.64
CA PRO B 108 -19.99 2.62 -9.56
C PRO B 108 -20.41 1.83 -8.33
N MET B 109 -20.11 2.40 -7.15
CA MET B 109 -20.59 1.87 -5.88
C MET B 109 -21.72 2.75 -5.36
N LEU B 110 -22.76 2.10 -4.83
CA LEU B 110 -23.87 2.80 -4.18
C LEU B 110 -23.52 3.07 -2.72
N MET B 111 -23.66 4.33 -2.32
CA MET B 111 -23.33 4.74 -0.96
C MET B 111 -24.40 5.66 -0.45
N GLN B 112 -24.39 5.89 0.87
CA GLN B 112 -25.31 6.84 1.48
C GLN B 112 -24.51 7.93 2.22
N SER B 113 -23.46 8.43 1.58
CA SER B 113 -22.82 9.66 2.02
C SER B 113 -23.78 10.83 1.91
N TYR B 114 -23.39 11.95 2.50
CA TYR B 114 -24.23 13.14 2.47
C TYR B 114 -24.44 13.62 1.04
N GLY B 115 -25.69 13.75 0.66
CA GLY B 115 -26.01 14.17 -0.68
C GLY B 115 -26.19 13.05 -1.68
N TRP B 116 -26.19 11.80 -1.22
CA TRP B 116 -26.19 10.66 -2.14
C TRP B 116 -27.40 10.66 -3.05
N ASN B 117 -28.55 11.17 -2.57
CA ASN B 117 -29.74 11.20 -3.42
C ASN B 117 -29.55 12.06 -4.65
N LEU B 118 -28.58 12.99 -4.63
CA LEU B 118 -28.31 13.86 -5.75
C LEU B 118 -27.45 13.19 -6.82
N VAL B 119 -26.96 11.97 -6.55
CA VAL B 119 -26.02 11.29 -7.43
C VAL B 119 -26.75 10.28 -8.28
N THR B 120 -26.53 10.35 -9.60
CA THR B 120 -26.91 9.31 -10.56
C THR B 120 -25.68 8.93 -11.35
N MET B 121 -25.24 7.69 -11.23
CA MET B 121 -24.07 7.22 -11.97
C MET B 121 -24.54 6.13 -12.95
N LYS B 122 -24.06 6.18 -14.17
CA LYS B 122 -24.43 5.22 -15.22
C LYS B 122 -23.16 4.57 -15.72
N SER B 123 -23.00 3.29 -15.47
CA SER B 123 -21.88 2.55 -15.98
C SER B 123 -22.22 2.04 -17.39
N GLY B 124 -21.19 1.51 -18.05
CA GLY B 124 -21.38 1.01 -19.40
C GLY B 124 -21.44 2.10 -20.43
N VAL B 125 -20.83 3.25 -20.14
CA VAL B 125 -20.80 4.40 -21.02
C VAL B 125 -19.36 4.73 -21.37
N ASP B 126 -19.03 4.63 -22.67
CA ASP B 126 -17.76 5.05 -23.20
C ASP B 126 -17.88 6.51 -23.60
N VAL B 127 -17.24 7.40 -22.85
CA VAL B 127 -17.47 8.82 -23.03
C VAL B 127 -16.99 9.33 -24.36
N TYR B 128 -16.06 8.63 -25.01
CA TYR B 128 -15.59 9.08 -26.31
C TYR B 128 -16.70 9.08 -27.35
N TYR B 129 -17.81 8.40 -27.09
CA TYR B 129 -18.94 8.37 -28.01
C TYR B 129 -20.22 8.88 -27.35
N LYS B 130 -20.15 9.50 -26.17
CA LYS B 130 -21.34 10.07 -25.59
C LYS B 130 -21.45 11.53 -25.98
N PRO B 131 -22.59 11.95 -26.48
CA PRO B 131 -22.75 13.35 -26.82
C PRO B 131 -22.71 14.21 -25.58
N SER B 132 -22.20 15.42 -25.74
CA SER B 132 -22.13 16.38 -24.65
C SER B 132 -23.53 16.84 -24.23
N GLU B 133 -23.64 17.27 -22.99
CA GLU B 133 -24.87 17.81 -22.43
C GLU B 133 -24.56 19.06 -21.63
N PRO B 134 -25.54 19.94 -21.46
CA PRO B 134 -25.33 21.14 -20.63
C PRO B 134 -24.82 20.78 -19.24
N CYS B 135 -23.93 21.61 -18.70
CA CYS B 135 -23.57 21.46 -17.30
C CYS B 135 -22.87 22.71 -16.79
N ASP B 136 -22.79 22.80 -15.47
CA ASP B 136 -22.17 23.94 -14.79
C ASP B 136 -20.75 23.65 -14.31
N THR B 137 -20.45 22.38 -14.06
CA THR B 137 -19.18 21.93 -13.48
C THR B 137 -18.80 20.68 -14.24
N LEU B 138 -17.64 20.67 -14.90
CA LEU B 138 -17.18 19.52 -15.67
C LEU B 138 -15.97 18.88 -15.02
N PHE B 139 -16.11 17.58 -14.66
CA PHE B 139 -15.04 16.74 -14.15
C PHE B 139 -14.62 15.72 -15.20
N CYS B 140 -13.33 15.43 -15.25
CA CYS B 140 -12.88 14.26 -15.99
C CYS B 140 -11.60 13.76 -15.33
N ASP B 141 -11.56 12.48 -14.95
CA ASP B 141 -10.42 11.89 -14.26
C ASP B 141 -9.87 10.68 -15.01
N ILE B 142 -9.95 10.68 -16.35
CA ILE B 142 -9.60 9.53 -17.15
C ILE B 142 -8.16 9.64 -17.60
N GLY B 143 -7.48 8.50 -17.59
CA GLY B 143 -6.12 8.40 -18.10
C GLY B 143 -5.44 7.15 -17.58
N GLU B 144 -5.35 6.12 -18.41
CA GLU B 144 -4.72 4.88 -18.00
C GLU B 144 -3.22 4.98 -18.20
N SER B 145 -2.46 4.78 -17.14
CA SER B 145 -1.02 5.00 -17.23
C SER B 145 -0.38 3.86 -18.00
N SER B 146 0.84 4.12 -18.49
CA SER B 146 1.51 3.21 -19.41
C SER B 146 3.00 3.44 -19.35
N SER B 147 3.75 2.34 -19.42
CA SER B 147 5.20 2.45 -19.44
C SER B 147 5.65 3.30 -20.61
N SER B 148 4.88 3.34 -21.69
CA SER B 148 5.22 4.14 -22.86
C SER B 148 4.66 5.55 -22.75
N ALA B 149 5.54 6.56 -22.69
CA ALA B 149 5.08 7.94 -22.66
C ALA B 149 4.41 8.34 -23.97
N GLU B 150 4.67 7.60 -25.05
CA GLU B 150 4.03 7.88 -26.34
C GLU B 150 2.58 7.45 -26.31
N VAL B 151 2.28 6.32 -25.68
CA VAL B 151 0.89 5.91 -25.51
C VAL B 151 0.17 6.87 -24.57
N GLU B 152 0.84 7.25 -23.47
CA GLU B 152 0.25 8.19 -22.54
C GLU B 152 -0.06 9.49 -23.27
N GLU B 153 0.82 9.92 -24.16
CA GLU B 153 0.55 11.14 -24.93
C GLU B 153 -0.67 10.95 -25.82
N GLN B 154 -0.70 9.84 -26.54
CA GLN B 154 -1.86 9.52 -27.36
C GLN B 154 -3.13 9.54 -26.53
N ARG B 155 -3.15 8.83 -25.41
CA ARG B 155 -4.35 8.76 -24.59
C ARG B 155 -4.75 10.14 -24.11
N THR B 156 -3.78 10.97 -23.74
CA THR B 156 -4.08 12.28 -23.19
C THR B 156 -4.75 13.17 -24.21
N LEU B 157 -4.23 13.17 -25.44
CA LEU B 157 -4.77 14.07 -26.45
C LEU B 157 -6.16 13.65 -26.84
N ARG B 158 -6.45 12.35 -26.80
CA ARG B 158 -7.79 11.89 -27.04
C ARG B 158 -8.75 12.40 -25.97
N ILE B 159 -8.32 12.34 -24.70
CA ILE B 159 -9.13 12.90 -23.63
C ILE B 159 -9.33 14.39 -23.82
N LEU B 160 -8.25 15.13 -24.03
CA LEU B 160 -8.36 16.60 -24.18
C LEU B 160 -9.18 17.01 -25.42
N GLU B 161 -9.25 16.15 -26.43
CA GLU B 161 -10.14 16.39 -27.56
C GLU B 161 -11.59 16.20 -27.17
N MET B 162 -11.90 15.10 -26.49
CA MET B 162 -13.27 14.84 -26.05
C MET B 162 -13.75 15.85 -25.03
N VAL B 163 -12.87 16.38 -24.19
CA VAL B 163 -13.34 17.30 -23.15
C VAL B 163 -13.74 18.65 -23.75
N SER B 164 -13.03 19.08 -24.80
CA SER B 164 -13.33 20.38 -25.37
C SER B 164 -14.77 20.45 -25.85
N ASP B 165 -15.33 19.33 -26.31
CA ASP B 165 -16.72 19.35 -26.75
C ASP B 165 -17.68 19.63 -25.60
N TRP B 166 -17.34 19.17 -24.41
CA TRP B 166 -18.13 19.50 -23.24
C TRP B 166 -17.89 20.94 -22.82
N LEU B 167 -16.62 21.40 -22.81
CA LEU B 167 -16.36 22.77 -22.39
C LEU B 167 -17.04 23.78 -23.32
N GLN B 168 -17.20 23.44 -24.58
CA GLN B 168 -17.85 24.38 -25.49
C GLN B 168 -19.31 24.66 -25.10
N ARG B 169 -19.88 23.88 -24.19
CA ARG B 169 -21.26 24.02 -23.78
C ARG B 169 -21.41 24.97 -22.61
N GLY B 170 -20.32 25.48 -22.04
CA GLY B 170 -20.43 26.60 -21.12
C GLY B 170 -19.88 26.47 -19.72
N PRO B 171 -19.61 25.27 -19.22
CA PRO B 171 -19.28 25.17 -17.80
C PRO B 171 -18.03 25.96 -17.48
N ARG B 172 -18.09 26.78 -16.44
CA ARG B 172 -16.94 27.61 -16.06
C ARG B 172 -16.13 27.03 -14.92
N GLU B 173 -16.67 26.01 -14.25
CA GLU B 173 -15.94 25.23 -13.26
C GLU B 173 -15.54 23.93 -13.93
N PHE B 174 -14.26 23.58 -13.86
CA PHE B 174 -13.85 22.29 -14.41
C PHE B 174 -12.58 21.79 -13.76
N CYS B 175 -12.39 20.47 -13.81
CA CYS B 175 -11.25 19.79 -13.20
C CYS B 175 -11.00 18.54 -14.05
N ILE B 176 -9.90 18.56 -14.82
CA ILE B 176 -9.68 17.60 -15.88
C ILE B 176 -8.28 17.02 -15.72
N LYS B 177 -8.21 15.70 -15.61
CA LYS B 177 -6.91 15.07 -15.44
C LYS B 177 -6.11 15.08 -16.72
N VAL B 178 -4.84 15.45 -16.63
CA VAL B 178 -3.87 15.36 -17.73
C VAL B 178 -2.84 14.30 -17.35
N LEU B 179 -2.96 13.14 -17.98
CA LEU B 179 -2.11 12.00 -17.59
C LEU B 179 -0.65 12.28 -17.87
N CYS B 180 -0.36 12.81 -19.06
CA CYS B 180 0.99 12.96 -19.59
C CYS B 180 1.21 14.40 -20.03
N PRO B 181 1.35 15.31 -19.06
CA PRO B 181 1.44 16.74 -19.39
C PRO B 181 2.82 17.19 -19.87
N TYR B 182 3.85 16.33 -19.79
CA TYR B 182 5.22 16.76 -20.08
C TYR B 182 5.61 16.51 -21.53
N MET B 183 4.73 15.98 -22.33
CA MET B 183 5.01 15.69 -23.73
C MET B 183 4.67 16.90 -24.59
N PRO B 184 5.53 17.25 -25.56
CA PRO B 184 5.31 18.51 -26.30
C PRO B 184 3.93 18.64 -26.91
N ARG B 185 3.40 17.60 -27.56
CA ARG B 185 2.08 17.73 -28.16
C ARG B 185 1.01 18.05 -27.11
N VAL B 186 1.18 17.55 -25.90
CA VAL B 186 0.18 17.82 -24.87
C VAL B 186 0.30 19.25 -24.35
N MET B 187 1.54 19.73 -24.14
CA MET B 187 1.72 21.09 -23.66
C MET B 187 1.21 22.09 -24.68
N GLU B 188 1.46 21.81 -25.97
CA GLU B 188 0.93 22.64 -27.03
C GLU B 188 -0.59 22.67 -26.98
N ARG B 189 -1.22 21.50 -26.87
CA ARG B 189 -2.68 21.43 -26.81
C ARG B 189 -3.25 22.13 -25.59
N LEU B 190 -2.55 22.07 -24.45
CA LEU B 190 -3.04 22.77 -23.27
C LEU B 190 -3.00 24.28 -23.46
N GLU B 191 -1.91 24.82 -23.99
CA GLU B 191 -1.84 26.26 -24.20
C GLU B 191 -2.98 26.73 -25.08
N VAL B 192 -3.33 25.96 -26.09
CA VAL B 192 -4.46 26.33 -26.92
C VAL B 192 -5.72 26.29 -26.11
N LEU B 193 -5.93 25.20 -25.38
CA LEU B 193 -7.13 25.08 -24.59
C LEU B 193 -7.18 26.14 -23.51
N GLN B 194 -6.05 26.43 -22.88
CA GLN B 194 -6.01 27.46 -21.84
C GLN B 194 -6.40 28.81 -22.39
N ARG B 195 -6.01 29.09 -23.65
CA ARG B 195 -6.42 30.33 -24.30
C ARG B 195 -7.94 30.39 -24.44
N ARG B 196 -8.56 29.30 -24.88
CA ARG B 196 -10.00 29.27 -25.11
C ARG B 196 -10.78 29.31 -23.81
N TYR B 197 -10.41 28.46 -22.82
CA TYR B 197 -11.24 28.24 -21.65
C TYR B 197 -10.60 28.60 -20.32
N GLY B 198 -9.34 29.00 -20.29
CA GLY B 198 -8.70 29.45 -19.05
C GLY B 198 -8.20 28.31 -18.18
N GLY B 199 -8.07 28.61 -16.88
CA GLY B 199 -7.47 27.69 -15.93
C GLY B 199 -5.97 27.51 -16.12
N GLY B 200 -5.45 26.52 -15.40
CA GLY B 200 -4.03 26.19 -15.39
C GLY B 200 -3.86 24.80 -14.83
N LEU B 201 -2.62 24.34 -14.76
CA LEU B 201 -2.29 23.02 -14.24
C LEU B 201 -1.81 23.07 -12.79
N VAL B 202 -2.24 22.07 -12.03
CA VAL B 202 -1.76 21.89 -10.66
C VAL B 202 -1.36 20.44 -10.46
N ARG B 203 -0.36 20.21 -9.60
CA ARG B 203 0.02 18.87 -9.17
C ARG B 203 -0.54 18.65 -7.77
N VAL B 204 -1.32 17.59 -7.60
CA VAL B 204 -1.94 17.27 -6.32
C VAL B 204 -0.96 16.44 -5.49
N PRO B 205 -0.60 16.86 -4.28
CA PRO B 205 0.44 16.15 -3.55
C PRO B 205 0.10 14.74 -3.27
N LEU B 206 -1.18 14.38 -3.30
CA LEU B 206 -1.63 13.03 -3.01
C LEU B 206 -1.33 12.08 -4.15
N SER B 207 -0.96 12.61 -5.32
CA SER B 207 -0.60 11.77 -6.44
C SER B 207 0.69 11.04 -6.12
N ARG B 208 0.82 9.83 -6.66
CA ARG B 208 2.01 9.00 -6.48
C ARG B 208 3.11 9.44 -7.43
N ASN B 209 4.35 9.38 -6.95
CA ASN B 209 5.48 9.81 -7.77
C ASN B 209 5.66 8.94 -9.00
N SER B 210 4.96 7.82 -9.08
CA SER B 210 5.06 6.90 -10.19
C SER B 210 4.21 7.35 -11.36
N ASN B 211 3.55 8.51 -11.25
CA ASN B 211 2.86 9.10 -12.39
C ASN B 211 3.00 10.62 -12.34
N HIS B 212 2.98 11.24 -13.51
CA HIS B 212 3.18 12.67 -13.64
C HIS B 212 1.86 13.42 -13.77
N GLU B 213 0.74 12.79 -13.39
CA GLU B 213 -0.58 13.36 -13.65
C GLU B 213 -0.66 14.77 -13.08
N MET B 214 -1.31 15.66 -13.81
CA MET B 214 -1.64 16.99 -13.28
C MET B 214 -3.06 17.29 -13.73
N TYR B 215 -3.69 18.23 -13.04
CA TYR B 215 -5.10 18.54 -13.23
C TYR B 215 -5.24 19.95 -13.79
N TRP B 216 -5.86 20.06 -14.95
CA TRP B 216 -6.24 21.33 -15.56
C TRP B 216 -7.55 21.78 -14.93
N VAL B 217 -7.49 22.82 -14.12
CA VAL B 217 -8.59 23.23 -13.27
C VAL B 217 -8.88 24.70 -13.52
N SER B 218 -10.17 25.06 -13.48
CA SER B 218 -10.61 26.39 -13.86
C SER B 218 -10.05 27.46 -12.96
N GLY B 219 -9.70 27.10 -11.75
CA GLY B 219 -9.25 28.05 -10.79
C GLY B 219 -7.79 28.34 -10.73
N ALA B 220 -6.98 27.66 -11.52
CA ALA B 220 -5.55 27.93 -11.56
C ALA B 220 -5.25 28.81 -12.76
N ALA B 221 -3.97 29.10 -12.96
CA ALA B 221 -3.52 29.93 -14.07
C ALA B 221 -2.01 29.92 -14.13
N GLY B 222 -1.49 30.41 -15.24
CA GLY B 222 -0.07 30.61 -15.35
C GLY B 222 0.59 29.65 -16.34
N ASN B 223 1.87 29.90 -16.57
CA ASN B 223 2.60 29.21 -17.61
C ASN B 223 2.46 27.71 -17.49
N ILE B 224 1.78 27.12 -18.46
CA ILE B 224 1.59 25.67 -18.46
C ILE B 224 2.94 24.96 -18.49
N VAL B 225 3.88 25.44 -19.29
CA VAL B 225 5.11 24.69 -19.47
C VAL B 225 5.99 24.72 -18.23
N HIS B 226 5.96 25.81 -17.48
CA HIS B 226 6.80 25.89 -16.29
C HIS B 226 6.25 25.00 -15.18
N ALA B 227 4.92 25.02 -14.98
CA ALA B 227 4.28 24.17 -13.98
C ALA B 227 4.64 22.71 -14.19
N VAL B 228 4.66 22.27 -15.46
CA VAL B 228 4.99 20.89 -15.78
C VAL B 228 6.45 20.62 -15.44
N ASN B 229 7.34 21.54 -15.82
CA ASN B 229 8.76 21.39 -15.51
C ASN B 229 9.01 21.42 -14.00
N MET B 230 8.32 22.31 -13.26
CA MET B 230 8.45 22.35 -11.81
C MET B 230 8.24 20.96 -11.24
N THR B 231 7.05 20.41 -11.46
CA THR B 231 6.73 19.11 -10.91
C THR B 231 7.71 18.07 -11.44
N SER B 232 8.10 18.18 -12.72
CA SER B 232 9.08 17.22 -13.25
C SER B 232 10.37 17.27 -12.45
N GLN B 233 10.75 18.46 -11.98
CA GLN B 233 11.94 18.57 -11.14
C GLN B 233 11.75 17.86 -9.80
N VAL B 234 10.61 18.13 -9.12
CA VAL B 234 10.33 17.48 -7.85
C VAL B 234 10.47 15.97 -7.95
N LEU B 235 9.80 15.37 -8.93
CA LEU B 235 9.76 13.91 -9.02
C LEU B 235 11.15 13.34 -9.26
N ILE B 236 11.99 14.07 -10.02
CA ILE B 236 13.34 13.57 -10.28
C ILE B 236 14.19 13.66 -9.04
N GLY B 237 13.99 14.70 -8.24
CA GLY B 237 14.72 14.82 -6.98
C GLY B 237 14.32 13.77 -5.97
N ARG B 238 13.12 13.24 -6.09
CA ARG B 238 12.68 12.16 -5.21
C ARG B 238 13.25 10.82 -5.62
N MET B 239 13.75 10.73 -6.86
CA MET B 239 14.41 9.52 -7.34
C MET B 239 15.86 9.44 -6.85
N GLU B 240 16.39 10.53 -6.31
CA GLU B 240 17.76 10.51 -5.85
C GLU B 240 17.85 10.70 -4.35
N LYS B 241 16.77 10.38 -3.63
CA LYS B 241 16.81 10.41 -2.17
C LYS B 241 17.83 9.41 -1.65
N THR B 243 18.20 7.07 0.62
CA THR B 243 17.39 7.16 1.86
C THR B 243 15.90 7.23 1.52
N TRP B 244 15.04 6.69 2.38
CA TRP B 244 13.61 6.72 2.11
C TRP B 244 12.88 6.97 3.42
N HIS B 245 12.04 8.01 3.43
CA HIS B 245 11.27 8.35 4.61
C HIS B 245 9.80 7.93 4.55
N GLY B 246 9.33 7.42 3.41
CA GLY B 246 7.95 7.02 3.30
C GLY B 246 7.02 8.19 3.04
N PRO B 247 5.73 7.98 3.08
CA PRO B 247 4.76 9.06 2.87
C PRO B 247 4.38 9.76 4.18
N LYS B 248 3.75 10.91 4.02
CA LYS B 248 3.18 11.65 5.14
C LYS B 248 1.69 11.31 5.17
N TYR B 249 1.27 10.61 6.20
CA TYR B 249 -0.10 10.10 6.23
C TYR B 249 -1.06 11.14 6.77
N GLU B 250 -2.25 11.17 6.18
CA GLU B 250 -3.29 12.10 6.58
C GLU B 250 -4.62 11.37 6.63
N GLU B 251 -5.52 11.85 7.49
CA GLU B 251 -6.84 11.27 7.52
C GLU B 251 -7.56 11.51 6.20
N ASP B 252 -8.33 10.52 5.77
CA ASP B 252 -9.17 10.55 4.59
C ASP B 252 -10.44 11.34 4.89
N VAL B 253 -11.09 11.78 3.80
CA VAL B 253 -12.30 12.57 3.94
C VAL B 253 -13.34 11.76 4.69
N ASN B 254 -14.26 12.47 5.38
CA ASN B 254 -15.46 11.87 5.93
C ASN B 254 -16.67 12.57 5.33
N LEU B 255 -17.52 11.80 4.63
CA LEU B 255 -18.57 12.33 3.78
C LEU B 255 -19.95 12.21 4.40
N GLY B 256 -20.04 11.66 5.62
CA GLY B 256 -21.31 11.75 6.35
C GLY B 256 -22.39 10.86 5.79
N SER B 257 -23.64 11.30 5.95
CA SER B 257 -24.81 10.51 5.55
C SER B 257 -25.99 11.47 5.43
N GLY B 258 -27.05 11.00 4.78
CA GLY B 258 -28.33 11.67 4.77
C GLY B 258 -28.68 12.22 3.40
N THR B 259 -29.97 12.50 3.21
CA THR B 259 -30.49 13.11 2.00
C THR B 259 -30.26 14.63 2.03
N ARG B 260 -30.33 15.25 0.84
CA ARG B 260 -30.37 16.69 0.67
C ARG B 260 -31.61 17.05 -0.16
N ALA B 261 -32.05 18.30 -0.03
CA ALA B 261 -33.28 18.73 -0.69
C ALA B 261 -33.23 18.52 -2.22
N SFG C . 9.20 -8.69 13.95
CA SFG C . 9.40 -7.24 13.89
C SFG C . 8.05 -6.60 14.14
O SFG C . 7.90 -5.34 14.26
OXT SFG C . 7.05 -7.33 14.27
CB SFG C . 9.99 -6.79 12.58
CG SFG C . 11.44 -7.29 12.46
CD SFG C . 12.00 -7.08 11.06
NE SFG C . 11.20 -7.88 10.13
C5' SFG C . 13.46 -7.53 10.95
C4' SFG C . 14.46 -6.63 11.75
O4' SFG C . 15.64 -7.23 11.85
C3' SFG C . 14.77 -5.36 10.96
O3' SFG C . 14.29 -4.33 11.70
C2' SFG C . 16.30 -5.36 10.87
O2' SFG C . 16.73 -3.95 11.09
C1' SFG C . 16.77 -6.12 11.80
N9 SFG C . 18.00 -6.78 11.46
C8 SFG C . 18.54 -7.12 10.28
N7 SFG C . 19.75 -7.65 10.49
C5 SFG C . 19.97 -7.61 11.78
C6 SFG C . 21.04 -8.03 12.52
N6 SFG C . 22.27 -8.62 12.04
N1 SFG C . 21.06 -7.92 13.87
C2 SFG C . 19.98 -7.32 14.47
N3 SFG C . 18.93 -6.90 13.74
C4 SFG C . 18.91 -7.06 12.39
C1 GOL D . 11.37 -9.31 -6.37
O1 GOL D . 12.39 -10.34 -6.49
C2 GOL D . 12.02 -7.94 -5.90
O2 GOL D . 12.64 -8.07 -4.66
C3 GOL D . 12.92 -7.55 -7.08
O3 GOL D . 13.29 -6.16 -6.93
N SFG E . -12.46 10.02 -10.16
CA SFG E . -12.80 8.62 -9.88
C SFG E . -12.92 8.45 -8.36
O SFG E . -12.73 9.40 -7.56
OXT SFG E . -13.23 7.32 -7.89
CB SFG E . -11.76 7.66 -10.43
CG SFG E . -11.86 7.73 -11.96
CD SFG E . -10.73 6.92 -12.61
NE SFG E . -9.43 7.51 -12.21
C5' SFG E . -10.92 6.90 -14.13
C4' SFG E . -12.16 6.08 -14.60
O4' SFG E . -12.44 6.34 -15.85
C3' SFG E . -11.83 4.58 -14.55
O3' SFG E . -12.67 3.92 -13.70
C2' SFG E . -12.09 4.15 -16.03
O2' SFG E . -12.68 2.78 -15.97
C1' SFG E . -12.93 5.01 -16.54
N9 SFG E . -12.71 5.08 -17.97
C8 SFG E . -11.65 4.80 -18.72
N7 SFG E . -11.96 5.00 -20.01
C5 SFG E . -13.21 5.41 -20.06
C6 SFG E . -14.00 5.75 -21.12
N6 SFG E . -13.69 5.75 -22.52
N1 SFG E . -15.26 6.13 -20.93
C2 SFG E . -15.71 6.15 -19.65
N3 SFG E . -14.93 5.80 -18.61
C4 SFG E . -13.68 5.44 -18.81
N GLY F . -8.31 3.97 -4.62
CA GLY F . -8.41 2.51 -4.43
C GLY F . -8.86 2.21 -3.02
O GLY F . -8.29 2.83 -2.16
OXT GLY F . -9.74 1.41 -2.79
#